data_8E64
#
_entry.id   8E64
#
_cell.length_a   55.212
_cell.length_b   98.501
_cell.length_c   58.705
_cell.angle_alpha   90.00
_cell.angle_beta   107.92
_cell.angle_gamma   90.00
#
_symmetry.space_group_name_H-M   'P 1 21 1'
#
loop_
_entity.id
_entity.type
_entity.pdbx_description
1 polymer '3C-like proteinase'
2 non-polymer '(1S,2S)-2-{[N-({2-[(1H-benzimidazol-2-yl)sulfanyl]-2-methylpropoxy}carbonyl)-L-leucyl]amino}-1-hydroxy-3-[(3S)-2-oxopyrrolidin-3-yl]propane-1-sulfonic acid'
3 non-polymer '(1~{R},2~{S})-2-[[(2~{S})-2-[[2-(1~{H}-benzimidazol-2-ylsulfanyl)-2-methyl-propoxy]carbonylamino]-4-methyl-pentanoyl]amino]-1-oxidanyl-3-[(3~{S})-2-oxidanylidenepyrrolidin-3-yl]propane-1-sulfonic acid;molecular oxygen'
4 water water
#
_entity_poly.entity_id   1
_entity_poly.type   'polypeptide(L)'
_entity_poly.pdbx_seq_one_letter_code
;SNIGSGFRKMAFPSGKVEGCMVQVTCGTTTLNGLWLDDVVYCPRHVICTSEDMLNPNYEDLLIRKSNHNFLVQAGNVQLR
VIGHSMQNCVLKLKVDTANPKTPKYKFVRIQPGQTFSVLACYNGSPSGVYQCAMRPNFTIKGSFLNGSCGSVGFNIDYDC
VSFCYMHHMELPTGVHAGTDLEGNFYGPFVDRQTAQAAGTDTTITVNVLAWLYAAVINGDRWFLNRFTTTLNDFNLVAMK
YNYEPLTQDHVDILGPLSAQTGIAVLDMCASLKELLQNGMNGRTILGSALLEDEFTPFDVVRQCSGVTF
;
_entity_poly.pdbx_strand_id   A,B
#
# COMPACT_ATOMS: atom_id res chain seq x y z
N ARG A 8 -1.50 8.21 -5.11
CA ARG A 8 -1.02 6.90 -4.67
C ARG A 8 -2.11 6.16 -3.86
N LYS A 9 -2.21 4.86 -4.10
CA LYS A 9 -3.21 4.04 -3.43
C LYS A 9 -2.76 3.78 -2.00
N MET A 10 -3.44 4.43 -1.06
CA MET A 10 -2.94 4.58 0.30
C MET A 10 -3.81 3.82 1.29
N ALA A 11 -3.17 3.00 2.10
CA ALA A 11 -3.86 2.18 3.08
C ALA A 11 -3.75 2.86 4.44
N PHE A 12 -4.63 2.47 5.36
CA PHE A 12 -4.51 2.93 6.74
C PHE A 12 -3.32 2.25 7.42
N PRO A 13 -2.67 2.96 8.34
CA PRO A 13 -1.65 2.30 9.17
C PRO A 13 -2.29 1.11 9.87
N SER A 14 -1.57 -0.01 9.84
CA SER A 14 -2.12 -1.31 10.23
C SER A 14 -1.78 -1.73 11.66
N GLY A 15 -1.07 -0.89 12.43
CA GLY A 15 -0.59 -1.35 13.72
C GLY A 15 -1.70 -1.79 14.67
N LYS A 16 -2.77 -0.99 14.77
CA LYS A 16 -3.86 -1.35 15.66
C LYS A 16 -4.43 -2.72 15.32
N VAL A 17 -4.39 -3.12 14.05
CA VAL A 17 -4.92 -4.42 13.66
C VAL A 17 -3.90 -5.52 13.86
N GLU A 18 -2.60 -5.21 13.64
CA GLU A 18 -1.54 -6.19 13.82
C GLU A 18 -1.57 -6.75 15.24
N GLY A 19 -1.88 -5.90 16.22
CA GLY A 19 -1.92 -6.30 17.62
C GLY A 19 -3.08 -7.18 17.97
N CYS A 20 -3.93 -7.48 17.00
CA CYS A 20 -5.06 -8.38 17.18
C CYS A 20 -4.94 -9.70 16.44
N MET A 21 -3.95 -9.89 15.58
CA MET A 21 -3.92 -11.11 14.78
C MET A 21 -3.29 -12.24 15.55
N VAL A 22 -3.92 -13.41 15.45
CA VAL A 22 -3.45 -14.64 16.07
C VAL A 22 -3.59 -15.78 15.05
N GLN A 23 -3.02 -16.92 15.41
CA GLN A 23 -3.11 -18.11 14.60
C GLN A 23 -4.09 -19.08 15.24
N VAL A 24 -4.91 -19.73 14.41
CA VAL A 24 -5.96 -20.65 14.85
C VAL A 24 -5.81 -21.94 14.06
N THR A 25 -5.64 -23.05 14.78
CA THR A 25 -5.45 -24.34 14.14
C THR A 25 -6.51 -25.29 14.63
N CYS A 26 -7.09 -26.04 13.70
CA CYS A 26 -8.00 -27.13 14.03
C CYS A 26 -7.69 -28.27 13.08
N GLY A 27 -7.28 -29.41 13.63
CA GLY A 27 -6.91 -30.51 12.77
C GLY A 27 -5.65 -30.13 12.03
N THR A 28 -5.65 -30.37 10.71
CA THR A 28 -4.55 -29.98 9.83
C THR A 28 -4.81 -28.66 9.13
N THR A 29 -5.76 -27.87 9.62
CA THR A 29 -6.10 -26.60 8.97
C THR A 29 -5.63 -25.45 9.84
N THR A 30 -4.92 -24.51 9.23
CA THR A 30 -4.42 -23.37 9.97
C THR A 30 -4.78 -22.10 9.20
N LEU A 31 -5.30 -21.12 9.91
CA LEU A 31 -5.62 -19.82 9.32
C LEU A 31 -5.51 -18.77 10.42
N ASN A 32 -5.94 -17.54 10.13
CA ASN A 32 -5.78 -16.44 11.06
C ASN A 32 -7.06 -16.17 11.85
N GLY A 33 -6.89 -15.64 13.05
CA GLY A 33 -7.99 -15.06 13.79
C GLY A 33 -7.74 -13.64 14.26
N LEU A 34 -8.82 -13.00 14.63
CA LEU A 34 -8.86 -11.64 15.10
C LEU A 34 -9.25 -11.68 16.58
N TRP A 35 -8.32 -11.27 17.43
CA TRP A 35 -8.45 -11.37 18.89
C TRP A 35 -8.80 -10.01 19.45
N LEU A 36 -10.05 -9.86 19.87
CA LEU A 36 -10.55 -8.62 20.45
C LEU A 36 -11.12 -8.94 21.83
N ASP A 37 -10.66 -8.21 22.85
CA ASP A 37 -11.08 -8.49 24.23
C ASP A 37 -10.80 -9.97 24.47
N ASP A 38 -11.77 -10.78 24.91
CA ASP A 38 -11.49 -12.18 25.20
C ASP A 38 -12.10 -13.13 24.16
N VAL A 39 -12.23 -12.67 22.92
CA VAL A 39 -12.85 -13.46 21.87
C VAL A 39 -11.99 -13.43 20.63
N VAL A 40 -11.78 -14.58 20.03
CA VAL A 40 -11.08 -14.70 18.76
C VAL A 40 -12.09 -15.06 17.67
N TYR A 41 -12.13 -14.24 16.61
CA TYR A 41 -13.00 -14.44 15.46
C TYR A 41 -12.19 -15.02 14.31
N CYS A 42 -12.72 -16.04 13.64
CA CYS A 42 -12.06 -16.59 12.47
C CYS A 42 -13.09 -17.26 11.59
N PRO A 43 -12.71 -17.64 10.38
CA PRO A 43 -13.65 -18.35 9.49
C PRO A 43 -13.98 -19.73 10.04
N ARG A 44 -15.26 -20.08 9.95
CA ARG A 44 -15.70 -21.34 10.51
C ARG A 44 -15.18 -22.53 9.72
N HIS A 45 -14.79 -22.35 8.46
CA HIS A 45 -14.36 -23.52 7.72
C HIS A 45 -13.04 -24.07 8.23
N VAL A 46 -12.47 -23.46 9.29
CA VAL A 46 -11.28 -24.03 9.89
C VAL A 46 -11.60 -25.38 10.49
N ILE A 47 -12.88 -25.64 10.80
CA ILE A 47 -13.22 -26.90 11.49
C ILE A 47 -13.37 -28.06 10.53
N CYS A 48 -13.32 -27.81 9.22
CA CYS A 48 -13.53 -28.85 8.23
C CYS A 48 -12.26 -29.62 7.92
N THR A 49 -12.44 -30.89 7.58
CA THR A 49 -11.40 -31.68 6.94
C THR A 49 -11.44 -31.40 5.45
N SER A 50 -10.54 -32.02 4.69
CA SER A 50 -10.64 -31.93 3.23
C SER A 50 -11.98 -32.48 2.77
N GLU A 51 -12.42 -33.61 3.35
CA GLU A 51 -13.68 -34.22 2.91
C GLU A 51 -14.88 -33.39 3.33
N ASP A 52 -14.80 -32.74 4.50
CA ASP A 52 -15.93 -31.93 4.98
C ASP A 52 -16.18 -30.74 4.07
N MET A 53 -15.12 -30.16 3.50
CA MET A 53 -15.25 -28.92 2.75
C MET A 53 -16.15 -29.10 1.55
N LEU A 54 -16.21 -30.32 1.01
CA LEU A 54 -17.06 -30.58 -0.15
C LEU A 54 -18.51 -30.17 0.10
N ASN A 55 -19.09 -30.59 1.23
CA ASN A 55 -20.44 -30.16 1.63
C ASN A 55 -20.55 -30.18 3.15
N PRO A 56 -20.29 -29.05 3.81
CA PRO A 56 -20.23 -29.04 5.27
C PRO A 56 -21.55 -28.67 5.93
N ASN A 57 -22.04 -29.52 6.84
CA ASN A 57 -23.17 -29.16 7.69
C ASN A 57 -22.58 -28.56 8.95
N TYR A 58 -22.31 -27.25 8.91
CA TYR A 58 -21.48 -26.65 9.93
C TYR A 58 -22.03 -26.82 11.34
N GLU A 59 -23.35 -26.68 11.55
CA GLU A 59 -23.86 -26.87 12.91
C GLU A 59 -23.55 -28.28 13.40
N ASP A 60 -23.70 -29.27 12.52
CA ASP A 60 -23.42 -30.65 12.87
C ASP A 60 -21.93 -30.87 13.11
N LEU A 61 -21.07 -30.24 12.31
CA LEU A 61 -19.63 -30.43 12.50
C LEU A 61 -19.15 -29.72 13.76
N LEU A 62 -19.72 -28.55 14.06
CA LEU A 62 -19.24 -27.78 15.20
C LEU A 62 -19.62 -28.44 16.53
N ILE A 63 -20.82 -28.99 16.62
CA ILE A 63 -21.25 -29.56 17.90
C ILE A 63 -20.36 -30.73 18.28
N ARG A 64 -19.72 -31.36 17.30
CA ARG A 64 -18.82 -32.48 17.52
C ARG A 64 -17.42 -32.06 17.93
N LYS A 65 -17.16 -30.75 18.06
CA LYS A 65 -15.85 -30.24 18.42
C LYS A 65 -15.84 -29.82 19.88
N SER A 66 -14.66 -29.95 20.49
CA SER A 66 -14.44 -29.48 21.84
C SER A 66 -13.47 -28.30 21.82
N ASN A 67 -13.53 -27.52 22.90
CA ASN A 67 -12.63 -26.38 23.02
C ASN A 67 -11.18 -26.77 22.76
N HIS A 68 -10.76 -27.94 23.26
CA HIS A 68 -9.37 -28.34 23.10
C HIS A 68 -9.00 -28.73 21.69
N ASN A 69 -9.97 -28.79 20.75
CA ASN A 69 -9.58 -29.05 19.37
C ASN A 69 -9.06 -27.81 18.69
N PHE A 70 -9.13 -26.67 19.38
CA PHE A 70 -8.74 -25.39 18.79
C PHE A 70 -7.43 -24.96 19.43
N LEU A 71 -6.38 -24.90 18.62
CA LEU A 71 -5.10 -24.37 19.03
C LEU A 71 -5.02 -22.92 18.55
N VAL A 72 -5.01 -21.99 19.50
CA VAL A 72 -4.85 -20.56 19.24
C VAL A 72 -3.49 -20.14 19.77
N GLN A 73 -2.67 -19.54 18.91
CA GLN A 73 -1.35 -19.06 19.30
C GLN A 73 -1.25 -17.57 18.99
N ALA A 74 -0.93 -16.79 20.01
CA ALA A 74 -0.55 -15.39 19.87
C ALA A 74 0.97 -15.34 20.03
N GLY A 75 1.68 -15.21 18.92
CA GLY A 75 3.13 -15.29 18.99
C GLY A 75 3.54 -16.60 19.61
N ASN A 76 4.30 -16.52 20.71
CA ASN A 76 4.86 -17.70 21.37
C ASN A 76 3.97 -18.24 22.48
N VAL A 77 2.78 -17.66 22.69
CA VAL A 77 1.88 -18.03 23.76
C VAL A 77 0.64 -18.71 23.19
N GLN A 78 0.26 -19.84 23.78
CA GLN A 78 -0.99 -20.48 23.44
C GLN A 78 -2.08 -19.88 24.34
N LEU A 79 -3.19 -19.50 23.74
CA LEU A 79 -4.33 -18.97 24.47
C LEU A 79 -5.32 -20.12 24.67
N ARG A 80 -5.82 -20.26 25.90
CA ARG A 80 -6.72 -21.35 26.21
C ARG A 80 -8.14 -20.99 25.80
N VAL A 81 -8.71 -21.80 24.91
CA VAL A 81 -10.10 -21.65 24.48
C VAL A 81 -11.01 -22.23 25.56
N ILE A 82 -11.89 -21.40 26.10
CA ILE A 82 -12.79 -21.81 27.18
C ILE A 82 -14.25 -21.74 26.75
N GLY A 83 -14.49 -21.81 25.45
CA GLY A 83 -15.84 -21.74 24.93
C GLY A 83 -15.85 -21.28 23.48
N HIS A 84 -16.89 -21.66 22.77
CA HIS A 84 -16.97 -21.32 21.36
C HIS A 84 -18.42 -21.28 20.91
N SER A 85 -18.73 -20.32 20.05
CA SER A 85 -20.00 -20.29 19.35
C SER A 85 -19.77 -19.93 17.89
N MET A 86 -20.85 -20.00 17.12
CA MET A 86 -20.82 -19.75 15.69
C MET A 86 -21.82 -18.66 15.38
N GLN A 87 -21.41 -17.69 14.58
CA GLN A 87 -22.31 -16.65 14.09
C GLN A 87 -22.17 -16.62 12.58
N ASN A 88 -23.17 -17.16 11.89
CA ASN A 88 -23.14 -17.31 10.45
C ASN A 88 -21.82 -17.98 10.06
N CYS A 89 -20.99 -17.38 9.20
CA CYS A 89 -19.78 -18.04 8.73
C CYS A 89 -18.54 -17.73 9.57
N VAL A 90 -18.66 -17.07 10.72
CA VAL A 90 -17.52 -16.83 11.59
CA VAL A 90 -17.54 -16.79 11.61
C VAL A 90 -17.68 -17.66 12.86
N LEU A 91 -16.59 -18.29 13.25
CA LEU A 91 -16.47 -18.99 14.52
C LEU A 91 -15.95 -18.01 15.55
N LYS A 92 -16.48 -18.10 16.76
CA LYS A 92 -16.11 -17.23 17.86
C LYS A 92 -15.52 -18.10 18.96
N LEU A 93 -14.22 -17.94 19.22
CA LEU A 93 -13.54 -18.67 20.29
C LEU A 93 -13.34 -17.77 21.50
N LYS A 94 -13.98 -18.12 22.62
CA LYS A 94 -13.75 -17.40 23.86
C LYS A 94 -12.46 -17.92 24.48
N VAL A 95 -11.58 -17.01 24.87
CA VAL A 95 -10.31 -17.39 25.49
C VAL A 95 -10.24 -16.80 26.89
N ASP A 96 -9.34 -17.38 27.69
CA ASP A 96 -9.20 -16.99 29.08
C ASP A 96 -8.30 -15.80 29.29
N THR A 97 -8.06 -14.99 28.26
CA THR A 97 -7.20 -13.82 28.39
C THR A 97 -7.77 -12.68 27.55
N ALA A 98 -7.73 -11.48 28.10
CA ALA A 98 -8.08 -10.31 27.32
C ALA A 98 -6.87 -9.84 26.54
N ASN A 99 -7.10 -9.46 25.29
CA ASN A 99 -6.03 -8.88 24.49
C ASN A 99 -5.78 -7.47 24.95
N PRO A 100 -4.66 -7.17 25.60
CA PRO A 100 -4.43 -5.79 26.06
C PRO A 100 -4.29 -4.81 24.93
N LYS A 101 -4.02 -5.29 23.70
CA LYS A 101 -3.84 -4.43 22.55
C LYS A 101 -5.13 -4.17 21.79
N THR A 102 -6.27 -4.61 22.32
CA THR A 102 -7.56 -4.37 21.68
C THR A 102 -7.79 -2.88 21.45
N PRO A 103 -7.95 -2.43 20.21
CA PRO A 103 -8.23 -1.01 19.98
C PRO A 103 -9.71 -0.72 20.20
N LYS A 104 -10.04 0.56 20.23
CA LYS A 104 -11.43 0.95 20.05
C LYS A 104 -11.86 0.41 18.69
N TYR A 105 -13.03 -0.19 18.61
CA TYR A 105 -13.42 -0.79 17.34
C TYR A 105 -14.92 -0.88 17.21
N LYS A 106 -15.35 -1.04 15.96
CA LYS A 106 -16.72 -1.41 15.64
C LYS A 106 -16.71 -2.42 14.48
N PHE A 107 -17.79 -3.16 14.35
CA PHE A 107 -18.03 -4.01 13.19
C PHE A 107 -19.01 -3.31 12.28
N VAL A 108 -18.66 -3.15 11.00
CA VAL A 108 -19.55 -2.49 10.05
C VAL A 108 -19.70 -3.37 8.82
N ARG A 109 -20.82 -3.21 8.14
CA ARG A 109 -21.03 -3.83 6.85
C ARG A 109 -20.94 -2.75 5.79
N ILE A 110 -19.98 -2.86 4.87
CA ILE A 110 -19.76 -1.79 3.91
C ILE A 110 -20.59 -2.03 2.65
N GLN A 111 -20.79 -0.93 1.87
CA GLN A 111 -21.54 -0.95 0.61
C GLN A 111 -20.59 -1.12 -0.55
N PRO A 112 -21.06 -1.66 -1.65
CA PRO A 112 -20.19 -1.73 -2.83
C PRO A 112 -19.79 -0.34 -3.25
N GLY A 113 -18.57 -0.23 -3.74
CA GLY A 113 -17.95 1.02 -4.05
C GLY A 113 -17.12 1.62 -2.94
N GLN A 114 -17.36 1.23 -1.69
CA GLN A 114 -16.56 1.70 -0.56
C GLN A 114 -15.21 0.98 -0.51
N THR A 115 -14.21 1.68 0.03
CA THR A 115 -12.87 1.12 0.10
C THR A 115 -12.50 0.78 1.55
N PHE A 116 -11.46 -0.03 1.69
CA PHE A 116 -10.99 -0.44 3.00
C PHE A 116 -9.58 -0.98 2.83
N SER A 117 -8.85 -1.00 3.93
CA SER A 117 -7.50 -1.59 3.94
C SER A 117 -7.55 -3.04 4.32
N VAL A 118 -6.69 -3.84 3.72
CA VAL A 118 -6.55 -5.26 4.04
C VAL A 118 -5.19 -5.49 4.68
N LEU A 119 -5.17 -6.19 5.80
CA LEU A 119 -3.93 -6.65 6.41
C LEU A 119 -3.83 -8.13 6.09
N ALA A 120 -3.08 -8.45 5.06
CA ALA A 120 -2.90 -9.83 4.69
C ALA A 120 -1.98 -10.50 5.70
N CYS A 121 -2.42 -11.65 6.22
CA CYS A 121 -1.70 -12.39 7.23
C CYS A 121 -1.62 -13.87 6.86
N TYR A 122 -0.57 -14.52 7.36
CA TYR A 122 -0.36 -15.96 7.23
C TYR A 122 0.14 -16.50 8.56
N ASN A 123 -0.44 -17.61 9.02
CA ASN A 123 -0.06 -18.22 10.30
C ASN A 123 -0.07 -17.19 11.42
N GLY A 124 -1.06 -16.30 11.38
CA GLY A 124 -1.20 -15.31 12.41
C GLY A 124 -0.24 -14.16 12.29
N SER A 125 0.67 -14.17 11.33
CA SER A 125 1.66 -13.11 11.17
C SER A 125 1.29 -12.18 10.02
N PRO A 126 1.29 -10.88 10.28
CA PRO A 126 1.02 -9.90 9.22
C PRO A 126 2.10 -9.95 8.14
N SER A 127 1.67 -9.92 6.88
CA SER A 127 2.61 -9.92 5.78
C SER A 127 2.52 -8.66 4.91
N GLY A 128 1.33 -8.07 4.74
CA GLY A 128 1.23 -6.90 3.88
C GLY A 128 -0.06 -6.16 4.09
N VAL A 129 -0.08 -4.92 3.61
CA VAL A 129 -1.25 -4.08 3.78
C VAL A 129 -1.50 -3.39 2.46
N TYR A 130 -2.75 -3.41 2.03
CA TYR A 130 -3.11 -2.72 0.81
C TYR A 130 -4.57 -2.33 0.85
N GLN A 131 -4.93 -1.45 -0.08
CA GLN A 131 -6.27 -0.90 -0.26
C GLN A 131 -7.04 -1.67 -1.32
N CYS A 132 -8.33 -1.93 -1.05
CA CYS A 132 -9.25 -2.70 -1.88
C CYS A 132 -10.56 -1.93 -1.88
N ALA A 133 -11.45 -2.28 -2.80
CA ALA A 133 -12.79 -1.75 -2.80
C ALA A 133 -13.75 -2.93 -2.88
N MET A 134 -14.89 -2.78 -2.22
CA MET A 134 -15.97 -3.74 -2.39
C MET A 134 -16.54 -3.55 -3.79
N ARG A 135 -16.39 -4.54 -4.64
CA ARG A 135 -16.85 -4.41 -6.03
C ARG A 135 -18.37 -4.42 -6.10
N PRO A 136 -18.93 -3.89 -7.18
CA PRO A 136 -20.40 -3.94 -7.30
C PRO A 136 -20.96 -5.34 -7.24
N ASN A 137 -20.23 -6.35 -7.73
CA ASN A 137 -20.64 -7.74 -7.66
C ASN A 137 -20.19 -8.42 -6.38
N PHE A 138 -19.77 -7.65 -5.38
CA PHE A 138 -19.47 -8.12 -4.02
C PHE A 138 -18.24 -9.02 -3.94
N THR A 139 -17.38 -9.00 -4.94
CA THR A 139 -16.04 -9.54 -4.78
C THR A 139 -15.07 -8.41 -4.41
N ILE A 140 -13.84 -8.80 -4.05
CA ILE A 140 -12.75 -7.85 -3.94
C ILE A 140 -11.56 -8.37 -4.71
N LYS A 141 -10.82 -7.45 -5.31
CA LYS A 141 -9.65 -7.82 -6.09
C LYS A 141 -8.47 -7.67 -5.13
N GLY A 142 -8.23 -8.71 -4.36
CA GLY A 142 -7.18 -8.71 -3.37
C GLY A 142 -5.99 -9.52 -3.82
N SER A 143 -5.04 -9.66 -2.91
CA SER A 143 -3.86 -10.50 -3.10
C SER A 143 -3.84 -11.39 -1.88
N PHE A 144 -4.32 -12.60 -2.08
CA PHE A 144 -4.46 -13.57 -1.01
C PHE A 144 -3.96 -14.91 -1.52
N LEU A 145 -3.20 -15.59 -0.69
CA LEU A 145 -2.67 -16.91 -0.99
C LEU A 145 -3.23 -17.93 0.00
N ASN A 146 -2.79 -19.17 -0.13
CA ASN A 146 -3.14 -20.17 0.87
C ASN A 146 -2.77 -19.70 2.27
N GLY A 147 -3.65 -19.95 3.22
CA GLY A 147 -3.43 -19.59 4.60
C GLY A 147 -3.83 -18.17 4.96
N SER A 148 -4.39 -17.42 4.02
CA SER A 148 -4.70 -16.01 4.27
C SER A 148 -6.06 -15.83 4.90
N CYS A 149 -6.89 -16.87 4.95
CA CYS A 149 -8.22 -16.74 5.51
C CYS A 149 -8.15 -16.22 6.94
N GLY A 150 -9.12 -15.39 7.28
CA GLY A 150 -9.13 -14.72 8.56
C GLY A 150 -8.39 -13.42 8.58
N SER A 151 -7.63 -13.12 7.51
CA SER A 151 -7.20 -11.74 7.30
C SER A 151 -8.42 -10.81 7.25
N VAL A 152 -8.27 -9.60 7.76
CA VAL A 152 -9.43 -8.70 7.86
C VAL A 152 -9.20 -7.42 7.07
N GLY A 153 -10.32 -6.80 6.70
CA GLY A 153 -10.36 -5.50 6.07
C GLY A 153 -10.92 -4.49 7.04
N PHE A 154 -10.44 -3.24 6.96
CA PHE A 154 -10.85 -2.25 7.97
C PHE A 154 -10.65 -0.83 7.46
N ASN A 155 -11.30 0.11 8.16
CA ASN A 155 -11.03 1.53 8.07
C ASN A 155 -10.75 2.07 9.46
N ILE A 156 -10.06 3.21 9.54
CA ILE A 156 -9.76 3.83 10.82
C ILE A 156 -10.27 5.27 10.80
N ASP A 157 -11.04 5.63 11.81
CA ASP A 157 -11.54 6.99 11.99
C ASP A 157 -11.20 7.41 13.42
N TYR A 158 -10.47 8.52 13.56
CA TYR A 158 -9.95 8.92 14.85
C TYR A 158 -9.13 7.73 15.35
N ASP A 159 -9.37 7.23 16.55
CA ASP A 159 -8.63 6.08 17.06
C ASP A 159 -9.40 4.76 16.91
N CYS A 160 -10.53 4.77 16.20
CA CYS A 160 -11.46 3.64 16.15
C CYS A 160 -11.30 2.84 14.86
N VAL A 161 -11.10 1.53 15.01
CA VAL A 161 -10.96 0.62 13.88
C VAL A 161 -12.33 0.04 13.56
N SER A 162 -12.79 0.27 12.35
CA SER A 162 -14.05 -0.28 11.87
C SER A 162 -13.71 -1.50 11.00
N PHE A 163 -13.95 -2.68 11.54
CA PHE A 163 -13.72 -3.90 10.77
C PHE A 163 -14.90 -4.15 9.85
N CYS A 164 -14.61 -4.41 8.57
CA CYS A 164 -15.70 -4.64 7.61
C CYS A 164 -15.56 -5.93 6.79
N TYR A 165 -14.44 -6.64 6.86
CA TYR A 165 -14.23 -7.77 5.98
C TYR A 165 -13.37 -8.81 6.68
N MET A 166 -13.74 -10.09 6.52
CA MET A 166 -12.90 -11.22 6.88
C MET A 166 -12.79 -12.13 5.68
N HIS A 167 -11.58 -12.55 5.36
CA HIS A 167 -11.33 -13.25 4.13
C HIS A 167 -11.61 -14.76 4.24
N HIS A 168 -12.31 -15.30 3.22
CA HIS A 168 -12.67 -16.72 3.17
C HIS A 168 -12.29 -17.49 1.90
N MET A 169 -12.30 -16.89 0.72
CA MET A 169 -12.14 -17.69 -0.49
C MET A 169 -11.64 -16.89 -1.69
N GLU A 170 -11.13 -17.63 -2.67
CA GLU A 170 -10.74 -17.12 -3.98
C GLU A 170 -11.59 -17.78 -5.06
N LEU A 171 -12.08 -17.01 -5.98
CA LEU A 171 -12.87 -17.51 -7.09
C LEU A 171 -11.99 -17.88 -8.27
N PRO A 172 -12.51 -18.72 -9.18
CA PRO A 172 -11.71 -19.14 -10.35
C PRO A 172 -11.08 -17.99 -11.12
N THR A 173 -11.73 -16.83 -11.18
CA THR A 173 -11.19 -15.71 -11.93
C THR A 173 -10.11 -14.96 -11.18
N GLY A 174 -9.74 -15.41 -9.98
CA GLY A 174 -8.69 -14.79 -9.24
C GLY A 174 -9.11 -13.69 -8.29
N VAL A 175 -10.39 -13.36 -8.25
CA VAL A 175 -10.89 -12.38 -7.29
C VAL A 175 -11.29 -13.13 -6.02
N HIS A 176 -11.69 -12.38 -4.99
CA HIS A 176 -11.83 -12.93 -3.65
C HIS A 176 -13.19 -12.65 -3.05
N ALA A 177 -13.59 -13.50 -2.10
CA ALA A 177 -14.86 -13.30 -1.44
C ALA A 177 -14.73 -13.56 0.06
N GLY A 178 -15.55 -12.87 0.83
CA GLY A 178 -15.51 -13.03 2.26
C GLY A 178 -16.76 -12.45 2.90
N THR A 179 -16.67 -12.29 4.22
CA THR A 179 -17.79 -11.90 5.05
C THR A 179 -17.53 -10.61 5.81
N ASP A 180 -18.61 -10.08 6.36
CA ASP A 180 -18.44 -9.08 7.40
C ASP A 180 -18.11 -9.82 8.71
N LEU A 181 -18.00 -9.08 9.80
CA LEU A 181 -17.55 -9.65 11.06
C LEU A 181 -18.70 -10.24 11.83
N GLU A 182 -19.91 -10.15 11.26
CA GLU A 182 -21.02 -10.97 11.70
C GLU A 182 -21.11 -12.29 10.96
N GLY A 183 -20.17 -12.57 10.04
CA GLY A 183 -20.17 -13.83 9.32
C GLY A 183 -21.07 -13.92 8.10
N ASN A 184 -21.68 -12.82 7.67
CA ASN A 184 -22.50 -12.83 6.46
C ASN A 184 -21.65 -12.48 5.24
N PHE A 185 -21.70 -13.34 4.24
CA PHE A 185 -20.94 -13.04 3.03
C PHE A 185 -21.40 -11.76 2.38
N TYR A 186 -20.44 -11.13 1.72
CA TYR A 186 -20.72 -10.17 0.69
C TYR A 186 -20.92 -10.98 -0.59
N GLY A 187 -22.08 -10.82 -1.21
CA GLY A 187 -22.35 -11.53 -2.41
C GLY A 187 -22.98 -12.89 -2.21
N PRO A 188 -23.21 -13.57 -3.32
CA PRO A 188 -24.00 -14.79 -3.34
C PRO A 188 -23.13 -16.02 -3.15
N PHE A 189 -22.11 -15.91 -2.31
CA PHE A 189 -21.12 -16.98 -2.20
C PHE A 189 -21.38 -17.80 -0.94
N VAL A 190 -20.74 -18.97 -0.90
CA VAL A 190 -20.94 -19.96 0.14
C VAL A 190 -19.59 -20.55 0.51
N ASP A 191 -19.35 -20.72 1.82
CA ASP A 191 -18.10 -21.31 2.32
C ASP A 191 -18.16 -22.83 2.22
N ARG A 192 -18.21 -23.29 0.96
CA ARG A 192 -18.07 -24.70 0.62
C ARG A 192 -17.09 -24.80 -0.54
N GLN A 193 -16.36 -25.90 -0.58
CA GLN A 193 -15.28 -26.06 -1.55
C GLN A 193 -15.86 -26.46 -2.92
N THR A 194 -16.46 -25.47 -3.58
CA THR A 194 -17.02 -25.62 -4.93
C THR A 194 -16.64 -24.41 -5.76
N ALA A 195 -16.47 -24.63 -7.06
CA ALA A 195 -16.22 -23.52 -7.96
C ALA A 195 -17.45 -22.64 -7.98
N GLN A 196 -17.24 -21.34 -7.88
CA GLN A 196 -18.33 -20.38 -7.82
C GLN A 196 -17.95 -19.18 -8.65
N ALA A 197 -18.84 -18.80 -9.55
CA ALA A 197 -18.67 -17.59 -10.32
C ALA A 197 -19.37 -16.45 -9.64
N ALA A 198 -18.83 -15.26 -9.88
CA ALA A 198 -19.47 -14.03 -9.42
C ALA A 198 -20.38 -13.49 -10.50
N GLY A 199 -21.26 -12.60 -10.10
CA GLY A 199 -22.06 -11.87 -11.05
C GLY A 199 -21.18 -10.98 -11.91
N THR A 200 -21.76 -10.50 -13.00
CA THR A 200 -21.05 -9.57 -13.86
C THR A 200 -20.67 -8.32 -13.08
N ASP A 201 -19.40 -7.97 -13.14
CA ASP A 201 -18.95 -6.78 -12.45
C ASP A 201 -19.22 -5.53 -13.30
N THR A 202 -19.22 -4.40 -12.61
CA THR A 202 -19.37 -3.10 -13.24
C THR A 202 -18.34 -2.16 -12.63
N THR A 203 -18.18 -1.00 -13.24
CA THR A 203 -17.18 -0.04 -12.84
C THR A 203 -17.80 1.00 -11.91
N ILE A 204 -17.07 1.36 -10.85
CA ILE A 204 -17.62 2.21 -9.81
C ILE A 204 -17.49 3.67 -10.27
N THR A 205 -18.57 4.21 -10.86
CA THR A 205 -18.50 5.48 -11.59
C THR A 205 -18.14 6.66 -10.70
N VAL A 206 -18.77 6.78 -9.54
CA VAL A 206 -18.44 7.89 -8.64
C VAL A 206 -16.95 7.88 -8.27
N ASN A 207 -16.36 6.69 -8.18
CA ASN A 207 -14.93 6.62 -7.87
C ASN A 207 -14.07 7.04 -9.07
N VAL A 208 -14.45 6.63 -10.29
CA VAL A 208 -13.71 7.09 -11.48
C VAL A 208 -13.71 8.60 -11.53
N LEU A 209 -14.83 9.19 -11.18
CA LEU A 209 -14.91 10.65 -11.22
C LEU A 209 -14.05 11.26 -10.13
N ALA A 210 -14.04 10.65 -8.94
CA ALA A 210 -13.13 11.13 -7.90
C ALA A 210 -11.69 11.09 -8.41
N TRP A 211 -11.33 10.03 -9.10
CA TRP A 211 -9.95 9.88 -9.56
C TRP A 211 -9.61 10.87 -10.65
N LEU A 212 -10.56 11.18 -11.55
CA LEU A 212 -10.33 12.22 -12.55
C LEU A 212 -10.07 13.57 -11.89
N TYR A 213 -10.84 13.90 -10.85
CA TYR A 213 -10.56 15.12 -10.10
C TYR A 213 -9.16 15.10 -9.50
N ALA A 214 -8.77 13.97 -8.90
CA ALA A 214 -7.41 13.82 -8.43
C ALA A 214 -6.39 14.08 -9.53
N ALA A 215 -6.66 13.59 -10.75
CA ALA A 215 -5.73 13.82 -11.85
C ALA A 215 -5.60 15.30 -12.17
N VAL A 216 -6.70 16.04 -12.03
CA VAL A 216 -6.65 17.48 -12.28
C VAL A 216 -5.92 18.18 -11.16
N ILE A 217 -6.28 17.88 -9.91
CA ILE A 217 -5.62 18.48 -8.76
C ILE A 217 -4.11 18.35 -8.88
N ASN A 218 -3.65 17.26 -9.46
CA ASN A 218 -2.22 17.04 -9.71
C ASN A 218 -1.78 17.48 -11.10
N GLY A 219 -2.55 18.33 -11.77
CA GLY A 219 -2.05 19.02 -12.95
C GLY A 219 -2.27 18.36 -14.29
N ASP A 220 -3.00 17.25 -14.35
CA ASP A 220 -3.21 16.57 -15.61
C ASP A 220 -4.66 16.77 -16.03
N ARG A 221 -4.86 17.45 -17.17
CA ARG A 221 -6.22 17.72 -17.61
C ARG A 221 -6.40 17.49 -19.11
N TRP A 222 -5.56 16.65 -19.70
CA TRP A 222 -5.66 16.45 -21.14
C TRP A 222 -7.02 15.91 -21.55
N PHE A 223 -7.68 15.16 -20.66
CA PHE A 223 -8.95 14.48 -20.93
C PHE A 223 -10.18 15.39 -20.76
N LEU A 224 -10.04 16.59 -20.21
CA LEU A 224 -11.19 17.46 -20.09
C LEU A 224 -11.70 17.90 -21.48
N ASN A 225 -12.94 18.39 -21.50
CA ASN A 225 -13.51 18.95 -22.72
C ASN A 225 -14.47 20.05 -22.32
N ARG A 226 -14.88 20.82 -23.33
CA ARG A 226 -15.66 22.03 -23.14
C ARG A 226 -17.13 21.75 -22.89
N PHE A 227 -17.55 20.49 -22.85
CA PHE A 227 -18.96 20.17 -22.89
C PHE A 227 -19.50 19.81 -21.52
N THR A 228 -20.82 19.79 -21.44
CA THR A 228 -21.51 19.32 -20.26
C THR A 228 -22.51 18.24 -20.70
N THR A 229 -23.21 17.68 -19.73
CA THR A 229 -24.20 16.64 -19.96
C THR A 229 -25.22 16.70 -18.83
N THR A 230 -26.38 16.13 -19.08
CA THR A 230 -27.31 15.95 -17.99
C THR A 230 -26.98 14.66 -17.25
N LEU A 231 -27.49 14.58 -16.04
CA LEU A 231 -27.26 13.39 -15.24
C LEU A 231 -27.81 12.16 -15.94
N ASN A 232 -29.04 12.25 -16.43
CA ASN A 232 -29.64 11.06 -17.04
C ASN A 232 -28.93 10.67 -18.34
N ASP A 233 -28.57 11.65 -19.17
CA ASP A 233 -27.88 11.28 -20.40
C ASP A 233 -26.53 10.66 -20.10
N PHE A 234 -25.84 11.17 -19.08
CA PHE A 234 -24.61 10.49 -18.68
C PHE A 234 -24.89 9.06 -18.25
N ASN A 235 -25.92 8.86 -17.41
CA ASN A 235 -26.21 7.53 -16.89
C ASN A 235 -26.60 6.57 -18.00
N LEU A 236 -27.23 7.08 -19.07
CA LEU A 236 -27.55 6.19 -20.18
C LEU A 236 -26.27 5.63 -20.79
N VAL A 237 -25.25 6.48 -20.94
CA VAL A 237 -24.00 6.04 -21.54
C VAL A 237 -23.24 5.17 -20.57
N ALA A 238 -23.20 5.58 -19.30
CA ALA A 238 -22.53 4.79 -18.29
C ALA A 238 -23.04 3.35 -18.29
N MET A 239 -24.37 3.19 -18.23
CA MET A 239 -24.90 1.84 -18.14
C MET A 239 -24.56 1.04 -19.38
N LYS A 240 -24.52 1.72 -20.53
CA LYS A 240 -24.12 1.06 -21.76
C LYS A 240 -22.73 0.44 -21.64
N TYR A 241 -21.82 1.12 -20.95
CA TYR A 241 -20.44 0.66 -20.82
C TYR A 241 -20.21 -0.14 -19.54
N ASN A 242 -21.27 -0.63 -18.92
CA ASN A 242 -21.20 -1.37 -17.65
C ASN A 242 -20.53 -0.57 -16.54
N TYR A 243 -20.89 0.71 -16.48
CA TYR A 243 -20.60 1.56 -15.35
C TYR A 243 -21.84 1.68 -14.48
N GLU A 244 -21.62 1.81 -13.17
CA GLU A 244 -22.74 1.98 -12.26
C GLU A 244 -23.40 3.32 -12.52
N PRO A 245 -24.69 3.44 -12.28
CA PRO A 245 -25.34 4.74 -12.38
C PRO A 245 -24.81 5.67 -11.30
N LEU A 246 -24.74 6.94 -11.66
CA LEU A 246 -24.42 8.02 -10.74
C LEU A 246 -25.70 8.60 -10.15
N THR A 247 -25.76 8.66 -8.83
CA THR A 247 -26.93 9.19 -8.13
C THR A 247 -26.67 10.63 -7.72
N GLN A 248 -27.75 11.33 -7.36
CA GLN A 248 -27.59 12.70 -6.89
C GLN A 248 -26.75 12.77 -5.62
N ASP A 249 -26.87 11.78 -4.75
CA ASP A 249 -25.98 11.73 -3.60
C ASP A 249 -24.53 11.60 -4.05
N HIS A 250 -24.26 10.80 -5.08
CA HIS A 250 -22.91 10.78 -5.64
C HIS A 250 -22.48 12.17 -6.11
N VAL A 251 -23.36 12.91 -6.78
CA VAL A 251 -23.01 14.24 -7.24
C VAL A 251 -22.67 15.12 -6.03
N ASP A 252 -23.48 15.01 -4.97
CA ASP A 252 -23.25 15.83 -3.78
C ASP A 252 -21.92 15.49 -3.12
N ILE A 253 -21.61 14.19 -2.98
CA ILE A 253 -20.37 13.75 -2.35
C ILE A 253 -19.16 14.28 -3.09
N LEU A 254 -19.30 14.48 -4.40
CA LEU A 254 -18.21 15.03 -5.21
C LEU A 254 -18.09 16.54 -5.10
N GLY A 255 -19.02 17.18 -4.38
CA GLY A 255 -19.02 18.61 -4.20
C GLY A 255 -17.64 19.18 -3.88
N PRO A 256 -17.05 18.78 -2.75
CA PRO A 256 -15.77 19.40 -2.36
C PRO A 256 -14.72 19.32 -3.43
N LEU A 257 -14.68 18.22 -4.20
CA LEU A 257 -13.72 18.13 -5.30
C LEU A 257 -14.11 19.04 -6.45
N SER A 258 -15.40 19.16 -6.72
CA SER A 258 -15.85 20.11 -7.73
C SER A 258 -15.44 21.52 -7.33
N ALA A 259 -15.71 21.90 -6.09
CA ALA A 259 -15.36 23.25 -5.64
C ALA A 259 -13.87 23.51 -5.77
N GLN A 260 -13.06 22.56 -5.30
CA GLN A 260 -11.61 22.73 -5.31
C GLN A 260 -11.06 22.95 -6.71
N THR A 261 -11.64 22.33 -7.73
CA THR A 261 -11.08 22.41 -9.08
C THR A 261 -11.82 23.40 -9.97
N GLY A 262 -13.00 23.84 -9.56
CA GLY A 262 -13.79 24.70 -10.44
C GLY A 262 -14.43 23.98 -11.59
N ILE A 263 -14.58 22.66 -11.48
CA ILE A 263 -15.10 21.83 -12.55
C ILE A 263 -16.37 21.19 -12.03
N ALA A 264 -17.51 21.58 -12.57
CA ALA A 264 -18.77 21.00 -12.16
C ALA A 264 -18.77 19.50 -12.40
N VAL A 265 -19.53 18.80 -11.57
CA VAL A 265 -19.57 17.35 -11.66
C VAL A 265 -20.06 16.92 -13.02
N LEU A 266 -21.12 17.56 -13.51
CA LEU A 266 -21.67 17.17 -14.82
C LEU A 266 -20.73 17.54 -15.95
N ASP A 267 -19.86 18.53 -15.74
CA ASP A 267 -18.79 18.76 -16.70
CA ASP A 267 -18.78 18.77 -16.67
C ASP A 267 -17.81 17.60 -16.68
N MET A 268 -17.42 17.13 -15.49
CA MET A 268 -16.51 15.99 -15.46
C MET A 268 -17.19 14.75 -16.04
N CYS A 269 -18.50 14.61 -15.80
CA CYS A 269 -19.23 13.48 -16.42
C CYS A 269 -19.12 13.54 -17.94
N ALA A 270 -19.22 14.75 -18.50
CA ALA A 270 -19.07 14.88 -19.94
C ALA A 270 -17.67 14.50 -20.40
N SER A 271 -16.65 14.77 -19.57
CA SER A 271 -15.31 14.35 -19.95
C SER A 271 -15.17 12.84 -19.88
N LEU A 272 -15.72 12.24 -18.84
CA LEU A 272 -15.69 10.79 -18.75
C LEU A 272 -16.47 10.14 -19.88
N LYS A 273 -17.63 10.69 -20.25
CA LYS A 273 -18.35 10.16 -21.41
C LYS A 273 -17.45 10.12 -22.63
N GLU A 274 -16.63 11.16 -22.85
CA GLU A 274 -15.77 11.17 -24.03
C GLU A 274 -14.71 10.08 -23.95
N LEU A 275 -14.16 9.88 -22.75
CA LEU A 275 -13.15 8.82 -22.58
C LEU A 275 -13.77 7.47 -22.84
N LEU A 276 -15.00 7.27 -22.38
CA LEU A 276 -15.62 5.97 -22.57
C LEU A 276 -15.84 5.69 -24.05
N GLN A 277 -16.24 6.72 -24.81
CA GLN A 277 -16.56 6.55 -26.22
C GLN A 277 -15.31 6.56 -27.11
N ASN A 278 -14.26 7.27 -26.70
CA ASN A 278 -13.06 7.42 -27.51
C ASN A 278 -11.86 6.64 -27.01
N GLY A 279 -11.85 6.23 -25.74
CA GLY A 279 -10.67 5.61 -25.18
C GLY A 279 -9.62 6.66 -24.83
N MET A 280 -8.44 6.16 -24.49
CA MET A 280 -7.37 7.02 -24.01
C MET A 280 -6.34 7.31 -25.11
N ASN A 281 -6.43 6.61 -26.24
CA ASN A 281 -5.63 6.95 -27.42
C ASN A 281 -4.14 6.91 -27.09
N GLY A 282 -3.75 5.93 -26.28
CA GLY A 282 -2.37 5.77 -25.89
C GLY A 282 -1.96 6.55 -24.67
N ARG A 283 -2.70 7.62 -24.33
CA ARG A 283 -2.32 8.42 -23.18
C ARG A 283 -2.61 7.65 -21.90
N THR A 284 -2.16 8.22 -20.79
CA THR A 284 -2.36 7.67 -19.47
C THR A 284 -2.82 8.80 -18.58
N ILE A 285 -3.47 8.43 -17.49
CA ILE A 285 -3.92 9.38 -16.48
C ILE A 285 -3.36 8.95 -15.14
N LEU A 286 -2.59 9.83 -14.50
CA LEU A 286 -1.94 9.50 -13.24
C LEU A 286 -1.15 8.20 -13.35
N GLY A 287 -0.53 7.99 -14.51
CA GLY A 287 0.31 6.85 -14.76
C GLY A 287 -0.42 5.62 -15.24
N SER A 288 -1.76 5.64 -15.20
CA SER A 288 -2.55 4.47 -15.55
C SER A 288 -3.06 4.53 -16.98
N ALA A 289 -2.98 3.40 -17.68
CA ALA A 289 -3.62 3.21 -18.98
C ALA A 289 -5.11 2.89 -18.88
N LEU A 290 -5.63 2.70 -17.67
CA LEU A 290 -7.03 2.32 -17.49
C LEU A 290 -7.65 3.28 -16.49
N LEU A 291 -8.97 3.46 -16.60
CA LEU A 291 -9.64 4.30 -15.63
C LEU A 291 -9.73 3.57 -14.29
N GLU A 292 -9.26 4.22 -13.25
CA GLU A 292 -9.13 3.62 -11.92
C GLU A 292 -10.40 3.85 -11.13
N ASP A 293 -10.94 2.80 -10.50
CA ASP A 293 -12.21 3.00 -9.79
C ASP A 293 -12.17 2.54 -8.34
N GLU A 294 -10.99 2.49 -7.71
CA GLU A 294 -10.92 2.11 -6.30
C GLU A 294 -10.39 3.21 -5.39
N PHE A 295 -10.69 4.49 -5.72
CA PHE A 295 -10.59 5.61 -4.80
C PHE A 295 -11.96 6.26 -4.66
N THR A 296 -12.45 6.38 -3.44
CA THR A 296 -13.69 7.11 -3.22
C THR A 296 -13.44 8.61 -3.21
N PRO A 297 -14.50 9.40 -3.31
CA PRO A 297 -14.36 10.85 -3.10
C PRO A 297 -13.64 11.19 -1.80
N PHE A 298 -14.01 10.51 -0.71
CA PHE A 298 -13.34 10.71 0.59
C PHE A 298 -11.85 10.41 0.51
N ASP A 299 -11.50 9.26 -0.09
CA ASP A 299 -10.09 8.90 -0.25
C ASP A 299 -9.32 10.01 -0.94
N VAL A 300 -9.82 10.48 -2.08
CA VAL A 300 -9.15 11.55 -2.80
C VAL A 300 -9.05 12.79 -1.93
N VAL A 301 -10.16 13.18 -1.30
CA VAL A 301 -10.17 14.42 -0.53
C VAL A 301 -9.15 14.35 0.60
N ARG A 302 -9.13 13.24 1.33
CA ARG A 302 -8.21 13.13 2.45
C ARG A 302 -6.77 13.28 1.97
N GLN A 303 -6.42 12.57 0.90
CA GLN A 303 -5.04 12.56 0.44
C GLN A 303 -4.65 13.81 -0.33
N CYS A 304 -5.62 14.59 -0.81
CA CYS A 304 -5.33 15.80 -1.58
C CYS A 304 -5.71 17.06 -0.79
N SER A 305 -5.50 17.03 0.52
CA SER A 305 -5.83 18.15 1.39
C SER A 305 -5.57 17.78 2.86
N PHE B 7 -1.50 -8.10 -9.74
CA PHE B 7 -0.46 -7.59 -8.86
C PHE B 7 -0.81 -6.24 -8.25
N ARG B 8 -0.86 -6.20 -6.91
CA ARG B 8 -1.07 -4.98 -6.14
C ARG B 8 0.26 -4.37 -5.70
N LYS B 9 0.31 -3.04 -5.68
CA LYS B 9 1.26 -2.39 -4.78
C LYS B 9 0.85 -2.78 -3.36
N MET B 10 1.77 -3.42 -2.63
CA MET B 10 1.50 -3.96 -1.31
C MET B 10 2.57 -3.48 -0.35
N ALA B 11 2.15 -2.78 0.70
CA ALA B 11 3.13 -2.23 1.62
C ALA B 11 3.42 -3.25 2.71
N PHE B 12 4.51 -3.03 3.44
CA PHE B 12 4.72 -3.78 4.67
C PHE B 12 3.78 -3.32 5.80
N PRO B 13 3.39 -4.22 6.71
CA PRO B 13 2.62 -3.76 7.87
C PRO B 13 3.42 -2.71 8.62
N SER B 14 2.75 -1.65 9.01
CA SER B 14 3.43 -0.46 9.50
C SER B 14 3.57 -0.35 11.00
N GLY B 15 3.05 -1.32 11.77
CA GLY B 15 2.95 -1.15 13.21
C GLY B 15 4.30 -0.93 13.91
N LYS B 16 5.33 -1.68 13.50
CA LYS B 16 6.64 -1.51 14.12
C LYS B 16 7.20 -0.11 13.89
N VAL B 17 6.87 0.54 12.77
CA VAL B 17 7.32 1.91 12.52
C VAL B 17 6.41 2.92 13.21
N GLU B 18 5.09 2.67 13.24
CA GLU B 18 4.18 3.56 13.95
C GLU B 18 4.66 3.79 15.39
N GLY B 19 5.11 2.73 16.04
CA GLY B 19 5.62 2.77 17.41
C GLY B 19 6.91 3.57 17.60
N CYS B 20 7.47 4.12 16.52
CA CYS B 20 8.70 4.90 16.56
C CYS B 20 8.49 6.35 16.14
N MET B 21 7.29 6.71 15.72
CA MET B 21 7.06 8.07 15.26
C MET B 21 6.83 9.02 16.41
N VAL B 22 7.51 10.16 16.35
CA VAL B 22 7.27 11.29 17.23
C VAL B 22 7.18 12.58 16.42
N GLN B 23 6.88 13.67 17.12
CA GLN B 23 7.01 14.99 16.53
C GLN B 23 8.12 15.79 17.19
N VAL B 24 8.73 16.67 16.39
CA VAL B 24 9.83 17.52 16.81
C VAL B 24 9.49 18.92 16.38
N THR B 25 9.59 19.85 17.31
CA THR B 25 9.26 21.23 17.07
C THR B 25 10.41 22.11 17.52
N CYS B 26 10.70 23.10 16.68
CA CYS B 26 11.69 24.17 17.00
CA CYS B 26 11.63 24.15 17.03
C CYS B 26 10.94 25.49 16.64
N GLY B 27 10.68 26.29 17.68
CA GLY B 27 9.86 27.47 17.45
C GLY B 27 8.44 27.07 17.12
N THR B 28 7.97 27.46 15.93
CA THR B 28 6.68 26.99 15.42
C THR B 28 6.83 25.95 14.31
N THR B 29 8.05 25.54 13.96
CA THR B 29 8.28 24.58 12.88
C THR B 29 8.20 23.17 13.45
N THR B 30 7.21 22.38 13.01
CA THR B 30 6.98 21.04 13.54
C THR B 30 7.13 20.06 12.38
N LEU B 31 7.89 19.00 12.60
CA LEU B 31 7.88 17.89 11.66
C LEU B 31 7.99 16.61 12.47
N ASN B 32 8.09 15.50 11.75
CA ASN B 32 8.14 14.19 12.36
C ASN B 32 9.58 13.75 12.62
N GLY B 33 9.71 12.91 13.65
CA GLY B 33 10.97 12.25 13.96
C GLY B 33 10.77 10.78 14.23
N LEU B 34 11.89 10.05 14.18
CA LEU B 34 11.96 8.61 14.35
C LEU B 34 12.71 8.34 15.65
N TRP B 35 12.06 7.64 16.58
CA TRP B 35 12.56 7.44 17.93
C TRP B 35 12.98 5.98 18.06
N LEU B 36 14.29 5.74 18.13
CA LEU B 36 14.86 4.40 18.20
C LEU B 36 15.84 4.39 19.35
N ASP B 37 15.65 3.48 20.30
CA ASP B 37 16.43 3.49 21.53
C ASP B 37 16.30 4.89 22.14
N ASP B 38 17.39 5.55 22.50
CA ASP B 38 17.30 6.88 23.10
C ASP B 38 17.71 8.01 22.16
N VAL B 39 17.47 7.83 20.86
CA VAL B 39 17.78 8.87 19.89
C VAL B 39 16.55 9.12 19.03
N VAL B 40 16.33 10.39 18.71
CA VAL B 40 15.32 10.80 17.76
C VAL B 40 16.02 11.41 16.54
N TYR B 41 15.67 10.90 15.37
CA TYR B 41 16.21 11.35 14.09
C TYR B 41 15.17 12.18 13.34
N CYS B 42 15.57 13.33 12.79
CA CYS B 42 14.60 14.14 12.05
C CYS B 42 15.35 15.03 11.07
N PRO B 43 14.65 15.60 10.09
CA PRO B 43 15.32 16.51 9.14
C PRO B 43 15.87 17.73 9.85
N ARG B 44 17.11 18.12 9.47
CA ARG B 44 17.71 19.25 10.17
C ARG B 44 16.99 20.56 9.90
N HIS B 45 16.16 20.65 8.84
CA HIS B 45 15.54 21.94 8.58
C HIS B 45 14.48 22.30 9.58
N VAL B 46 14.20 21.43 10.57
CA VAL B 46 13.36 21.85 11.66
C VAL B 46 13.95 23.07 12.40
N ILE B 47 15.25 23.30 12.31
CA ILE B 47 15.84 24.40 13.09
C ILE B 47 15.68 25.73 12.35
N CYS B 48 15.02 25.73 11.19
CA CYS B 48 14.86 26.91 10.34
C CYS B 48 13.52 27.56 10.53
N THR B 49 13.53 28.90 10.63
CA THR B 49 12.33 29.63 10.30
C THR B 49 12.05 29.47 8.82
N SER B 50 10.79 29.67 8.42
CA SER B 50 10.48 29.62 7.01
C SER B 50 11.38 30.56 6.22
N GLU B 51 11.73 31.72 6.79
CA GLU B 51 12.61 32.64 6.06
C GLU B 51 14.04 32.12 6.02
N ASP B 52 14.50 31.46 7.09
CA ASP B 52 15.83 30.84 7.05
C ASP B 52 15.95 29.83 5.93
N MET B 53 14.84 29.14 5.60
CA MET B 53 14.89 28.05 4.63
C MET B 53 15.30 28.56 3.25
N LEU B 54 15.11 29.84 2.97
CA LEU B 54 15.52 30.36 1.67
C LEU B 54 17.03 30.27 1.49
N ASN B 55 17.79 30.36 2.57
CA ASN B 55 19.24 30.41 2.43
C ASN B 55 19.89 30.08 3.76
N PRO B 56 19.76 28.84 4.25
CA PRO B 56 20.21 28.52 5.61
C PRO B 56 21.69 28.27 5.67
N ASN B 57 22.30 28.67 6.78
CA ASN B 57 23.63 28.22 7.18
C ASN B 57 23.39 27.36 8.42
N TYR B 58 23.42 26.04 8.23
CA TYR B 58 22.92 25.13 9.25
C TYR B 58 23.83 25.08 10.45
N GLU B 59 25.15 25.02 10.20
CA GLU B 59 26.12 25.01 11.30
C GLU B 59 25.94 26.24 12.19
N ASP B 60 25.75 27.42 11.59
CA ASP B 60 25.53 28.62 12.40
C ASP B 60 24.16 28.62 13.06
N LEU B 61 23.13 28.13 12.37
CA LEU B 61 21.83 28.07 13.00
C LEU B 61 21.87 27.10 14.19
N LEU B 62 22.61 26.00 14.05
CA LEU B 62 22.61 24.98 15.09
C LEU B 62 23.41 25.43 16.30
N ILE B 63 24.53 26.12 16.08
CA ILE B 63 25.35 26.51 17.20
C ILE B 63 24.59 27.43 18.13
N ARG B 64 23.59 28.15 17.62
CA ARG B 64 22.78 29.00 18.46
C ARG B 64 21.68 28.24 19.21
N LYS B 65 21.49 26.98 18.90
CA LYS B 65 20.47 26.15 19.55
C LYS B 65 21.06 25.38 20.72
N SER B 66 20.19 25.10 21.71
CA SER B 66 20.51 24.28 22.85
C SER B 66 19.49 23.16 22.95
N ASN B 67 19.78 22.19 23.81
CA ASN B 67 18.86 21.08 23.99
C ASN B 67 17.46 21.59 24.32
N HIS B 68 17.39 22.65 25.14
CA HIS B 68 16.09 23.10 25.63
C HIS B 68 15.31 23.89 24.59
N ASN B 69 15.85 24.09 23.38
CA ASN B 69 15.09 24.65 22.28
C ASN B 69 14.32 23.60 21.47
N PHE B 70 14.44 22.31 21.80
CA PHE B 70 13.84 21.24 21.01
C PHE B 70 12.69 20.63 21.80
N LEU B 71 11.48 20.68 21.23
CA LEU B 71 10.31 20.05 21.82
C LEU B 71 10.09 18.75 21.09
N VAL B 72 10.28 17.62 21.77
CA VAL B 72 10.01 16.31 21.21
C VAL B 72 8.82 15.73 21.95
N GLN B 73 7.86 15.25 21.21
CA GLN B 73 6.66 14.71 21.82
C GLN B 73 6.27 13.39 21.18
N ALA B 74 5.96 12.40 22.03
CA ALA B 74 5.26 11.19 21.61
C ALA B 74 3.81 11.40 21.98
N GLY B 75 2.97 11.63 20.98
CA GLY B 75 1.63 12.12 21.28
C GLY B 75 1.71 13.47 21.94
N ASN B 76 1.06 13.61 23.09
CA ASN B 76 1.16 14.81 23.91
C ASN B 76 2.26 14.74 24.96
N VAL B 77 3.01 13.64 25.03
CA VAL B 77 3.94 13.43 26.13
C VAL B 77 5.32 13.92 25.71
N GLN B 78 5.84 14.89 26.46
CA GLN B 78 7.16 15.43 26.15
C GLN B 78 8.26 14.44 26.49
N LEU B 79 9.20 14.28 25.54
CA LEU B 79 10.46 13.57 25.74
C LEU B 79 11.57 14.59 25.86
N ARG B 80 12.25 14.57 27.02
CA ARG B 80 13.28 15.57 27.27
C ARG B 80 14.51 15.28 26.43
N VAL B 81 15.00 16.32 25.75
CA VAL B 81 16.21 16.21 24.94
C VAL B 81 17.42 16.45 25.84
N ILE B 82 18.41 15.56 25.76
CA ILE B 82 19.62 15.65 26.57
C ILE B 82 20.90 15.79 25.74
N GLY B 83 20.79 15.88 24.43
CA GLY B 83 21.96 15.97 23.59
C GLY B 83 21.51 16.21 22.17
N HIS B 84 22.33 16.86 21.34
CA HIS B 84 21.95 17.03 19.94
C HIS B 84 23.20 17.09 19.10
N SER B 85 23.08 16.61 17.86
CA SER B 85 24.16 16.72 16.88
C SER B 85 23.57 16.64 15.50
N MET B 86 24.33 17.06 14.51
CA MET B 86 23.89 17.07 13.12
C MET B 86 24.76 16.07 12.37
N GLN B 87 24.12 15.23 11.55
CA GLN B 87 24.82 14.30 10.67
C GLN B 87 24.27 14.52 9.27
N ASN B 88 25.06 15.14 8.40
CA ASN B 88 24.59 15.50 7.08
C ASN B 88 23.28 16.29 7.20
N CYS B 89 22.20 15.87 6.56
CA CYS B 89 20.96 16.62 6.64
C CYS B 89 19.99 16.13 7.71
N VAL B 90 20.47 15.32 8.65
CA VAL B 90 19.59 14.88 9.74
CA VAL B 90 19.65 14.80 9.74
C VAL B 90 20.16 15.37 11.07
N LEU B 91 19.22 15.64 11.96
CA LEU B 91 19.46 16.01 13.34
C LEU B 91 19.21 14.79 14.20
N LYS B 92 20.11 14.55 15.13
CA LYS B 92 19.99 13.50 16.11
C LYS B 92 19.83 14.12 17.47
N LEU B 93 18.73 13.80 18.11
CA LEU B 93 18.38 14.35 19.41
C LEU B 93 18.43 13.20 20.38
N LYS B 94 19.40 13.22 21.29
CA LYS B 94 19.43 12.23 22.35
C LYS B 94 18.37 12.62 23.36
N VAL B 95 17.60 11.63 23.82
CA VAL B 95 16.49 11.85 24.74
C VAL B 95 16.73 10.96 25.97
N ASP B 96 16.00 11.24 27.04
CA ASP B 96 16.30 10.60 28.32
C ASP B 96 15.51 9.32 28.51
N THR B 97 14.76 8.89 27.49
CA THR B 97 13.93 7.69 27.55
C THR B 97 14.24 6.81 26.34
N ALA B 98 14.56 5.54 26.58
CA ALA B 98 14.68 4.59 25.49
C ALA B 98 13.29 4.15 25.05
N ASN B 99 13.05 4.15 23.75
CA ASN B 99 11.72 3.80 23.23
C ASN B 99 11.41 2.33 23.50
N PRO B 100 10.45 2.01 24.36
CA PRO B 100 10.15 0.60 24.65
C PRO B 100 9.63 -0.14 23.44
N LYS B 101 9.16 0.56 22.41
CA LYS B 101 8.70 -0.10 21.19
C LYS B 101 9.77 -0.21 20.10
N THR B 102 11.00 0.13 20.38
CA THR B 102 12.06 0.01 19.39
C THR B 102 12.08 -1.40 18.81
N PRO B 103 11.95 -1.56 17.49
CA PRO B 103 12.12 -2.90 16.89
C PRO B 103 13.59 -3.20 16.67
N LYS B 104 13.88 -4.44 16.31
CA LYS B 104 15.16 -4.70 15.69
C LYS B 104 15.22 -3.86 14.42
N TYR B 105 16.32 -3.15 14.20
CA TYR B 105 16.38 -2.26 13.05
C TYR B 105 17.81 -2.13 12.52
N LYS B 106 17.88 -1.61 11.29
CA LYS B 106 19.11 -1.14 10.68
C LYS B 106 18.76 0.02 9.78
N PHE B 107 19.80 0.76 9.41
CA PHE B 107 19.78 1.86 8.44
C PHE B 107 20.47 1.38 7.17
N VAL B 108 19.75 1.42 6.05
CA VAL B 108 20.30 1.01 4.76
C VAL B 108 20.10 2.12 3.74
N ARG B 109 21.02 2.20 2.80
CA ARG B 109 20.93 3.15 1.68
C ARG B 109 20.54 2.31 0.49
N ILE B 110 19.40 2.61 -0.13
CA ILE B 110 18.90 1.75 -1.21
C ILE B 110 19.40 2.26 -2.55
N GLN B 111 19.27 1.40 -3.61
CA GLN B 111 19.59 1.79 -4.98
C GLN B 111 18.31 2.12 -5.73
N PRO B 112 18.42 2.91 -6.79
CA PRO B 112 17.26 3.12 -7.66
C PRO B 112 16.68 1.79 -8.08
N GLY B 113 15.35 1.75 -8.18
CA GLY B 113 14.61 0.55 -8.49
C GLY B 113 14.11 -0.18 -7.29
N GLN B 114 14.80 -0.07 -6.15
CA GLN B 114 14.34 -0.73 -4.94
CA GLN B 114 14.31 -0.76 -4.97
C GLN B 114 13.07 -0.07 -4.44
N THR B 115 12.16 -0.88 -3.89
CA THR B 115 10.91 -0.38 -3.40
C THR B 115 10.96 -0.42 -1.88
N PHE B 116 10.06 0.36 -1.29
CA PHE B 116 9.97 0.41 0.16
C PHE B 116 8.60 0.97 0.49
N SER B 117 8.19 0.79 1.73
CA SER B 117 6.95 1.34 2.22
C SER B 117 7.23 2.66 2.89
N VAL B 118 6.29 3.59 2.72
CA VAL B 118 6.33 4.90 3.36
C VAL B 118 5.16 5.00 4.32
N LEU B 119 5.45 5.41 5.57
CA LEU B 119 4.40 5.68 6.56
C LEU B 119 4.29 7.19 6.63
N ALA B 120 3.29 7.74 5.93
CA ALA B 120 3.11 9.19 5.91
C ALA B 120 2.53 9.66 7.24
N CYS B 121 3.13 10.68 7.82
CA CYS B 121 2.82 11.10 9.18
C CYS B 121 2.67 12.60 9.22
N TYR B 122 1.84 13.07 10.15
CA TYR B 122 1.65 14.49 10.37
C TYR B 122 1.58 14.69 11.88
N ASN B 123 2.40 15.59 12.41
CA ASN B 123 2.44 15.86 13.86
C ASN B 123 2.68 14.58 14.64
N GLY B 124 3.54 13.74 14.10
CA GLY B 124 3.90 12.51 14.73
C GLY B 124 2.82 11.47 14.69
N SER B 125 1.72 11.71 13.95
CA SER B 125 0.60 10.78 13.91
CA SER B 125 0.60 10.79 13.91
C SER B 125 0.51 10.14 12.53
N PRO B 126 0.64 8.83 12.44
CA PRO B 126 0.52 8.17 11.13
C PRO B 126 -0.84 8.41 10.49
N SER B 127 -0.81 8.69 9.19
CA SER B 127 -2.03 8.83 8.40
C SER B 127 -2.23 7.73 7.37
N GLY B 128 -1.17 7.15 6.82
CA GLY B 128 -1.34 6.23 5.72
C GLY B 128 -0.03 5.54 5.39
N VAL B 129 -0.15 4.40 4.73
CA VAL B 129 1.03 3.66 4.30
C VAL B 129 0.88 3.29 2.84
N TYR B 130 1.98 3.41 2.10
CA TYR B 130 1.97 3.01 0.70
C TYR B 130 3.36 2.60 0.25
N GLN B 131 3.40 1.97 -0.90
CA GLN B 131 4.62 1.45 -1.48
C GLN B 131 5.13 2.39 -2.56
N CYS B 132 6.44 2.65 -2.54
CA CYS B 132 7.15 3.54 -3.46
C CYS B 132 8.32 2.80 -4.07
N ALA B 133 8.73 3.24 -5.26
CA ALA B 133 9.98 2.80 -5.85
C ALA B 133 10.90 3.99 -5.99
N MET B 134 12.17 3.81 -5.65
CA MET B 134 13.13 4.87 -5.88
C MET B 134 13.40 4.92 -7.38
N ARG B 135 13.09 6.06 -8.00
CA ARG B 135 13.30 6.20 -9.44
C ARG B 135 14.78 6.36 -9.74
N PRO B 136 15.20 6.08 -11.00
CA PRO B 136 16.59 6.29 -11.37
C PRO B 136 17.02 7.72 -11.20
N ASN B 137 16.09 8.66 -11.27
CA ASN B 137 16.45 10.05 -11.04
C ASN B 137 16.41 10.40 -9.55
N PHE B 138 16.32 9.39 -8.66
CA PHE B 138 16.43 9.57 -7.21
C PHE B 138 15.31 10.40 -6.65
N THR B 139 14.12 10.27 -7.23
CA THR B 139 12.90 10.77 -6.64
C THR B 139 11.98 9.59 -6.44
N ILE B 140 10.95 9.81 -5.65
CA ILE B 140 9.88 8.84 -5.49
C ILE B 140 8.58 9.55 -5.81
N LYS B 141 7.65 8.78 -6.37
CA LYS B 141 6.30 9.28 -6.63
C LYS B 141 5.50 9.03 -5.37
N GLY B 142 5.68 9.94 -4.42
CA GLY B 142 5.08 9.84 -3.12
C GLY B 142 3.75 10.54 -3.07
N SER B 143 3.23 10.63 -1.86
CA SER B 143 2.00 11.35 -1.55
C SER B 143 2.25 12.03 -0.21
N PHE B 144 2.61 13.31 -0.27
CA PHE B 144 3.03 14.02 0.93
C PHE B 144 2.47 15.42 0.89
N LEU B 145 1.98 15.88 2.04
CA LEU B 145 1.48 17.23 2.22
C LEU B 145 2.38 18.00 3.20
N ASN B 146 2.05 19.28 3.39
CA ASN B 146 2.76 20.08 4.39
C ASN B 146 2.75 19.34 5.72
N GLY B 147 3.87 19.39 6.43
CA GLY B 147 3.99 18.72 7.69
C GLY B 147 4.41 17.27 7.62
N SER B 148 4.71 16.73 6.42
CA SER B 148 5.03 15.32 6.28
C SER B 148 6.52 15.00 6.42
N CYS B 149 7.37 16.02 6.38
CA CYS B 149 8.80 15.81 6.50
C CYS B 149 9.13 15.05 7.75
N GLY B 150 10.12 14.17 7.61
CA GLY B 150 10.49 13.24 8.64
C GLY B 150 9.73 11.93 8.62
N SER B 151 8.68 11.82 7.81
CA SER B 151 8.10 10.51 7.53
C SER B 151 9.18 9.64 6.94
N VAL B 152 9.14 8.33 7.23
CA VAL B 152 10.22 7.46 6.79
C VAL B 152 9.72 6.36 5.87
N GLY B 153 10.66 5.85 5.09
CA GLY B 153 10.44 4.68 4.25
C GLY B 153 11.27 3.51 4.76
N PHE B 154 10.76 2.30 4.55
CA PHE B 154 11.35 1.13 5.21
C PHE B 154 10.94 -0.15 4.48
N ASN B 155 11.75 -1.18 4.71
CA ASN B 155 11.46 -2.57 4.43
C ASN B 155 11.53 -3.35 5.74
N ILE B 156 10.85 -4.49 5.78
CA ILE B 156 10.89 -5.36 6.94
C ILE B 156 11.32 -6.73 6.46
N ASP B 157 12.43 -7.24 7.01
CA ASP B 157 13.00 -8.55 6.67
C ASP B 157 13.01 -9.37 7.95
N TYR B 158 11.99 -10.21 8.13
CA TYR B 158 11.83 -11.00 9.34
C TYR B 158 11.19 -10.12 10.41
N ASP B 159 11.91 -9.86 11.49
CA ASP B 159 11.45 -8.91 12.50
C ASP B 159 12.29 -7.64 12.46
N CYS B 160 13.19 -7.51 11.49
CA CYS B 160 14.11 -6.38 11.42
C CYS B 160 13.59 -5.34 10.45
N VAL B 161 13.45 -4.14 10.94
CA VAL B 161 13.04 -3.01 10.12
C VAL B 161 14.29 -2.33 9.56
N SER B 162 14.40 -2.28 8.23
CA SER B 162 15.46 -1.56 7.53
C SER B 162 14.93 -0.21 7.07
N PHE B 163 15.39 0.84 7.74
CA PHE B 163 14.98 2.19 7.38
C PHE B 163 15.87 2.69 6.25
N CYS B 164 15.24 3.20 5.18
CA CYS B 164 16.00 3.64 4.02
C CYS B 164 15.70 5.05 3.55
N TYR B 165 14.70 5.73 4.10
CA TYR B 165 14.27 6.99 3.53
C TYR B 165 13.71 7.85 4.65
N MET B 166 14.02 9.13 4.58
CA MET B 166 13.38 10.15 5.40
C MET B 166 13.02 11.32 4.49
N HIS B 167 11.78 11.78 4.60
CA HIS B 167 11.22 12.69 3.62
C HIS B 167 11.63 14.14 3.90
N HIS B 168 12.04 14.87 2.85
CA HIS B 168 12.40 16.27 2.98
C HIS B 168 11.73 17.25 2.00
N MET B 169 11.31 16.84 0.79
CA MET B 169 11.08 17.80 -0.28
C MET B 169 10.06 17.35 -1.30
N GLU B 170 9.28 18.31 -1.82
CA GLU B 170 8.39 18.10 -2.97
C GLU B 170 8.84 18.98 -4.12
N LEU B 171 9.05 18.39 -5.29
CA LEU B 171 9.61 19.08 -6.44
C LEU B 171 8.50 19.60 -7.36
N PRO B 172 8.85 20.41 -8.36
CA PRO B 172 7.78 21.02 -9.20
C PRO B 172 6.88 20.00 -9.88
N THR B 173 7.45 18.91 -10.39
CA THR B 173 6.63 17.88 -11.02
C THR B 173 5.80 17.07 -10.02
N GLY B 174 5.86 17.37 -8.74
CA GLY B 174 5.05 16.67 -7.77
C GLY B 174 5.68 15.43 -7.19
N VAL B 175 6.91 15.09 -7.58
CA VAL B 175 7.61 13.96 -7.00
C VAL B 175 8.41 14.45 -5.80
N HIS B 176 8.99 13.50 -5.06
CA HIS B 176 9.52 13.75 -3.74
C HIS B 176 10.96 13.33 -3.63
N ALA B 177 11.68 14.03 -2.75
CA ALA B 177 13.09 13.77 -2.49
C ALA B 177 13.35 13.79 -1.00
N GLY B 178 14.37 13.03 -0.61
CA GLY B 178 14.73 12.92 0.79
C GLY B 178 16.07 12.24 0.93
N THR B 179 16.36 11.82 2.16
CA THR B 179 17.67 11.30 2.55
C THR B 179 17.55 9.88 3.04
N ASP B 180 18.71 9.26 3.24
CA ASP B 180 18.74 8.04 4.04
C ASP B 180 18.75 8.46 5.51
N LEU B 181 18.81 7.50 6.42
CA LEU B 181 18.76 7.84 7.83
C LEU B 181 20.11 8.33 8.36
N GLU B 182 21.16 8.37 7.54
CA GLU B 182 22.38 9.09 7.86
C GLU B 182 22.37 10.52 7.30
N GLY B 183 21.25 10.96 6.74
CA GLY B 183 21.14 12.34 6.31
C GLY B 183 21.74 12.68 4.96
N ASN B 184 22.12 11.67 4.17
CA ASN B 184 22.65 11.88 2.82
C ASN B 184 21.50 11.83 1.81
N PHE B 185 21.33 12.91 1.05
CA PHE B 185 20.23 12.93 0.08
C PHE B 185 20.42 11.82 -0.94
N TYR B 186 19.30 11.27 -1.41
CA TYR B 186 19.31 10.53 -2.65
C TYR B 186 19.22 11.56 -3.76
N GLY B 187 20.17 11.53 -4.68
CA GLY B 187 20.15 12.42 -5.82
C GLY B 187 20.80 13.76 -5.50
N PRO B 188 20.72 14.71 -6.43
CA PRO B 188 21.53 15.93 -6.33
C PRO B 188 20.91 17.04 -5.48
N PHE B 189 19.92 16.72 -4.65
CA PHE B 189 19.10 17.75 -4.04
C PHE B 189 19.74 18.28 -2.77
N VAL B 190 19.30 19.48 -2.36
CA VAL B 190 19.77 20.12 -1.13
C VAL B 190 18.56 20.62 -0.34
N ASP B 191 18.68 20.58 1.00
CA ASP B 191 17.59 21.02 1.87
C ASP B 191 17.66 22.55 2.03
N ARG B 192 17.38 23.22 0.91
CA ARG B 192 17.23 24.67 0.78
C ARG B 192 15.98 24.99 -0.04
N GLN B 193 15.28 26.06 0.35
CA GLN B 193 14.06 26.50 -0.34
C GLN B 193 14.47 27.35 -1.54
N THR B 194 15.05 26.65 -2.51
CA THR B 194 15.52 27.23 -3.76
C THR B 194 15.10 26.31 -4.90
N ALA B 195 14.90 26.89 -6.08
CA ALA B 195 14.35 26.14 -7.20
C ALA B 195 15.22 24.92 -7.49
N GLN B 196 14.59 23.76 -7.54
CA GLN B 196 15.27 22.53 -7.88
C GLN B 196 14.35 21.72 -8.79
N ALA B 197 14.92 20.79 -9.53
CA ALA B 197 14.09 19.99 -10.43
C ALA B 197 14.66 18.59 -10.58
N ALA B 198 13.75 17.63 -10.74
CA ALA B 198 14.16 16.27 -11.02
C ALA B 198 14.68 16.18 -12.47
N GLY B 199 15.75 15.41 -12.65
CA GLY B 199 16.21 15.08 -13.97
C GLY B 199 15.22 14.19 -14.71
N THR B 200 15.53 13.96 -15.98
CA THR B 200 14.66 13.13 -16.79
C THR B 200 14.72 11.70 -16.26
N ASP B 201 13.57 11.11 -16.10
CA ASP B 201 13.54 9.77 -15.53
C ASP B 201 13.65 8.74 -16.64
N THR B 202 14.01 7.52 -16.21
CA THR B 202 14.18 6.38 -17.10
C THR B 202 13.45 5.19 -16.50
N THR B 203 13.30 4.16 -17.32
CA THR B 203 12.59 2.97 -16.90
C THR B 203 13.52 2.00 -16.18
N ILE B 204 13.00 1.39 -15.12
CA ILE B 204 13.78 0.50 -14.24
C ILE B 204 13.77 -0.89 -14.84
N THR B 205 14.82 -1.18 -15.61
CA THR B 205 14.90 -2.40 -16.40
C THR B 205 14.80 -3.65 -15.55
N VAL B 206 15.51 -3.66 -14.42
CA VAL B 206 15.52 -4.88 -13.61
C VAL B 206 14.11 -5.21 -13.14
N ASN B 207 13.31 -4.19 -12.86
CA ASN B 207 11.94 -4.43 -12.44
C ASN B 207 11.06 -4.88 -13.60
N VAL B 208 11.26 -4.31 -14.80
CA VAL B 208 10.51 -4.82 -15.94
C VAL B 208 10.79 -6.30 -16.14
N LEU B 209 12.07 -6.70 -16.07
CA LEU B 209 12.40 -8.10 -16.20
C LEU B 209 11.71 -8.94 -15.11
N ALA B 210 11.69 -8.43 -13.89
CA ALA B 210 10.99 -9.16 -12.81
C ALA B 210 9.53 -9.37 -13.18
N TRP B 211 8.91 -8.34 -13.76
CA TRP B 211 7.53 -8.37 -14.20
C TRP B 211 7.33 -9.40 -15.31
N LEU B 212 8.27 -9.48 -16.25
CA LEU B 212 8.15 -10.50 -17.29
C LEU B 212 8.26 -11.89 -16.69
N TYR B 213 9.14 -12.06 -15.70
CA TYR B 213 9.23 -13.35 -15.01
C TYR B 213 7.92 -13.66 -14.32
N ALA B 214 7.35 -12.65 -13.64
CA ALA B 214 6.02 -12.83 -13.04
C ALA B 214 5.01 -13.29 -14.07
N ALA B 215 5.04 -12.70 -15.26
CA ALA B 215 4.09 -13.10 -16.29
C ALA B 215 4.30 -14.56 -16.67
N VAL B 216 5.56 -14.97 -16.81
CA VAL B 216 5.84 -16.36 -17.15
C VAL B 216 5.35 -17.30 -16.07
N ILE B 217 5.61 -16.96 -14.79
CA ILE B 217 5.16 -17.80 -13.68
C ILE B 217 3.66 -18.02 -13.74
N ASN B 218 2.93 -17.04 -14.24
CA ASN B 218 1.48 -17.09 -14.28
C ASN B 218 0.95 -17.62 -15.60
N GLY B 219 1.81 -18.17 -16.44
CA GLY B 219 1.41 -18.81 -17.70
C GLY B 219 1.30 -17.91 -18.92
N ASP B 220 1.77 -16.67 -18.83
CA ASP B 220 1.65 -15.69 -19.90
C ASP B 220 3.06 -15.53 -20.48
N ARG B 221 3.31 -16.21 -21.60
CA ARG B 221 4.69 -16.28 -22.08
C ARG B 221 4.83 -16.16 -23.60
N TRP B 222 3.89 -15.51 -24.28
CA TRP B 222 4.01 -15.36 -25.73
C TRP B 222 5.30 -14.65 -26.13
N PHE B 223 5.81 -13.77 -25.27
CA PHE B 223 6.93 -12.90 -25.62
C PHE B 223 8.28 -13.58 -25.46
N LEU B 224 8.34 -14.80 -24.96
CA LEU B 224 9.62 -15.48 -24.89
C LEU B 224 10.09 -15.77 -26.30
N ASN B 225 11.24 -15.23 -26.67
CA ASN B 225 11.80 -15.43 -28.00
C ASN B 225 12.88 -16.50 -27.93
N ARG B 226 13.47 -16.84 -29.07
CA ARG B 226 14.40 -17.96 -29.15
C ARG B 226 15.85 -17.57 -28.85
N PHE B 227 16.14 -16.29 -28.69
CA PHE B 227 17.51 -15.80 -28.74
C PHE B 227 18.01 -15.43 -27.36
N THR B 228 19.30 -15.11 -27.30
CA THR B 228 19.92 -14.58 -26.11
C THR B 228 20.77 -13.40 -26.55
N THR B 229 21.44 -12.78 -25.59
CA THR B 229 22.24 -11.60 -25.86
C THR B 229 23.30 -11.52 -24.79
N THR B 230 24.25 -10.63 -25.00
CA THR B 230 25.19 -10.32 -23.95
C THR B 230 24.65 -9.16 -23.14
N LEU B 231 25.17 -9.03 -21.93
CA LEU B 231 24.78 -7.94 -21.06
C LEU B 231 25.17 -6.61 -21.67
N ASN B 232 26.36 -6.54 -22.24
CA ASN B 232 26.79 -5.28 -22.83
C ASN B 232 25.91 -4.90 -24.01
N ASP B 233 25.63 -5.84 -24.93
CA ASP B 233 24.77 -5.49 -26.06
C ASP B 233 23.41 -5.02 -25.57
N PHE B 234 22.82 -5.75 -24.62
CA PHE B 234 21.51 -5.35 -24.10
C PHE B 234 21.58 -3.94 -23.49
N ASN B 235 22.59 -3.69 -22.68
CA ASN B 235 22.69 -2.39 -22.03
C ASN B 235 22.78 -1.27 -23.05
N LEU B 236 23.57 -1.46 -24.09
CA LEU B 236 23.69 -0.41 -25.10
C LEU B 236 22.36 -0.21 -25.85
N VAL B 237 21.62 -1.29 -26.11
CA VAL B 237 20.32 -1.12 -26.75
C VAL B 237 19.32 -0.48 -25.79
N ALA B 238 19.28 -0.95 -24.55
CA ALA B 238 18.23 -0.48 -23.64
C ALA B 238 18.30 1.03 -23.45
N MET B 239 19.52 1.57 -23.39
CA MET B 239 19.65 2.99 -23.14
C MET B 239 19.02 3.81 -24.26
N LYS B 240 18.96 3.26 -25.47
CA LYS B 240 18.32 3.96 -26.58
C LYS B 240 16.82 4.07 -26.42
N TYR B 241 16.23 3.23 -25.55
CA TYR B 241 14.81 3.27 -25.28
C TYR B 241 14.50 3.94 -23.94
N ASN B 242 15.50 4.62 -23.37
CA ASN B 242 15.36 5.28 -22.07
C ASN B 242 15.15 4.28 -20.95
N TYR B 243 15.77 3.11 -21.10
CA TYR B 243 15.80 2.08 -20.08
C TYR B 243 17.16 2.13 -19.40
N GLU B 244 17.18 1.85 -18.10
CA GLU B 244 18.44 1.77 -17.37
C GLU B 244 19.28 0.57 -17.81
N PRO B 245 20.59 0.70 -17.84
CA PRO B 245 21.43 -0.48 -18.00
C PRO B 245 21.37 -1.35 -16.76
N LEU B 246 21.59 -2.64 -16.96
CA LEU B 246 21.70 -3.57 -15.86
C LEU B 246 23.10 -3.59 -15.25
N THR B 247 23.12 -3.74 -13.93
CA THR B 247 24.33 -4.01 -13.18
C THR B 247 24.42 -5.50 -12.90
N GLN B 248 25.61 -5.92 -12.46
CA GLN B 248 25.78 -7.29 -11.98
C GLN B 248 24.85 -7.60 -10.82
N ASP B 249 24.61 -6.63 -9.93
CA ASP B 249 23.70 -6.84 -8.82
C ASP B 249 22.29 -7.11 -9.33
N HIS B 250 21.89 -6.44 -10.41
CA HIS B 250 20.58 -6.68 -10.99
C HIS B 250 20.46 -8.10 -11.52
N VAL B 251 21.50 -8.57 -12.20
CA VAL B 251 21.50 -9.92 -12.71
C VAL B 251 21.37 -10.88 -11.56
N ASP B 252 22.09 -10.60 -10.48
CA ASP B 252 22.07 -11.49 -9.31
C ASP B 252 20.71 -11.51 -8.62
N ILE B 253 20.06 -10.36 -8.45
CA ILE B 253 18.77 -10.42 -7.76
C ILE B 253 17.65 -10.99 -8.62
N LEU B 254 17.83 -11.10 -9.93
CA LEU B 254 16.94 -11.86 -10.80
C LEU B 254 17.18 -13.36 -10.71
N GLY B 255 18.20 -13.81 -9.98
CA GLY B 255 18.59 -15.20 -9.94
C GLY B 255 17.46 -16.14 -9.53
N PRO B 256 16.82 -15.85 -8.41
CA PRO B 256 15.73 -16.76 -7.98
C PRO B 256 14.60 -16.88 -8.99
N LEU B 257 14.20 -15.78 -9.63
CA LEU B 257 13.14 -15.86 -10.65
C LEU B 257 13.62 -16.61 -11.87
N SER B 258 14.90 -16.41 -12.24
CA SER B 258 15.46 -17.19 -13.34
CA SER B 258 15.47 -17.18 -13.35
C SER B 258 15.46 -18.67 -13.03
N ALA B 259 15.79 -19.04 -11.79
CA ALA B 259 15.80 -20.45 -11.39
C ALA B 259 14.38 -21.02 -11.33
N GLN B 260 13.45 -20.21 -10.83
CA GLN B 260 12.06 -20.65 -10.71
C GLN B 260 11.46 -20.96 -12.08
N THR B 261 11.81 -20.20 -13.11
CA THR B 261 11.25 -20.34 -14.45
C THR B 261 12.14 -21.13 -15.43
N GLY B 262 13.41 -21.30 -15.12
CA GLY B 262 14.34 -21.94 -16.03
C GLY B 262 14.77 -21.05 -17.20
N ILE B 263 14.46 -19.77 -17.13
CA ILE B 263 14.78 -18.82 -18.19
C ILE B 263 15.95 -17.99 -17.72
N ALA B 264 17.11 -18.17 -18.38
CA ALA B 264 18.28 -17.40 -18.03
C ALA B 264 17.99 -15.91 -18.16
N VAL B 265 18.64 -15.14 -17.30
CA VAL B 265 18.45 -13.70 -17.31
C VAL B 265 18.72 -13.12 -18.70
N LEU B 266 19.82 -13.54 -19.33
CA LEU B 266 20.16 -12.95 -20.63
C LEU B 266 19.17 -13.35 -21.72
N ASP B 267 18.56 -14.53 -21.61
CA ASP B 267 17.48 -14.86 -22.53
C ASP B 267 16.28 -13.93 -22.33
N MET B 268 15.93 -13.66 -21.05
CA MET B 268 14.84 -12.72 -20.81
C MET B 268 15.22 -11.35 -21.32
N CYS B 269 16.49 -10.97 -21.19
CA CYS B 269 16.91 -9.68 -21.76
C CYS B 269 16.66 -9.64 -23.27
N ALA B 270 16.96 -10.73 -23.97
CA ALA B 270 16.70 -10.75 -25.40
C ALA B 270 15.21 -10.64 -25.71
N SER B 271 14.34 -11.27 -24.90
CA SER B 271 12.91 -11.10 -25.13
C SER B 271 12.47 -9.66 -24.90
N LEU B 272 13.02 -9.01 -23.87
CA LEU B 272 12.68 -7.61 -23.65
C LEU B 272 13.22 -6.75 -24.78
N LYS B 273 14.43 -7.04 -25.26
CA LYS B 273 14.98 -6.26 -26.36
C LYS B 273 14.03 -6.31 -27.56
N GLU B 274 13.49 -7.50 -27.86
CA GLU B 274 12.57 -7.60 -28.99
C GLU B 274 11.27 -6.82 -28.71
N LEU B 275 10.77 -6.82 -27.47
CA LEU B 275 9.58 -6.02 -27.17
C LEU B 275 9.87 -4.53 -27.37
N LEU B 276 11.07 -4.10 -26.97
CA LEU B 276 11.44 -2.70 -27.17
C LEU B 276 11.51 -2.38 -28.67
N GLN B 277 12.22 -3.20 -29.44
CA GLN B 277 12.46 -2.92 -30.85
C GLN B 277 11.26 -3.15 -31.75
N ASN B 278 10.32 -4.03 -31.36
CA ASN B 278 9.18 -4.34 -32.20
C ASN B 278 7.85 -3.96 -31.60
N GLY B 279 7.79 -3.65 -30.31
CA GLY B 279 6.55 -3.27 -29.67
C GLY B 279 5.70 -4.47 -29.31
N MET B 280 4.60 -4.18 -28.62
CA MET B 280 3.65 -5.21 -28.23
C MET B 280 2.83 -5.73 -29.41
N ASN B 281 2.73 -4.96 -30.49
CA ASN B 281 1.93 -5.33 -31.65
C ASN B 281 0.52 -5.72 -31.22
N GLY B 282 -0.06 -4.93 -30.32
CA GLY B 282 -1.45 -5.09 -29.93
C GLY B 282 -1.70 -6.06 -28.78
N ARG B 283 -0.69 -6.77 -28.30
CA ARG B 283 -0.91 -7.79 -27.29
C ARG B 283 -0.79 -7.18 -25.89
N THR B 284 -1.01 -8.01 -24.88
CA THR B 284 -0.84 -7.57 -23.50
C THR B 284 -0.01 -8.60 -22.74
N ILE B 285 0.45 -8.18 -21.57
CA ILE B 285 1.19 -9.02 -20.65
C ILE B 285 0.60 -8.77 -19.27
N LEU B 286 0.21 -9.86 -18.59
CA LEU B 286 -0.50 -9.75 -17.32
C LEU B 286 -1.66 -8.76 -17.42
N GLY B 287 -2.29 -8.69 -18.61
CA GLY B 287 -3.47 -7.90 -18.81
C GLY B 287 -3.23 -6.48 -19.28
N SER B 288 -1.98 -6.07 -19.40
CA SER B 288 -1.61 -4.67 -19.62
C SER B 288 -0.80 -4.55 -20.90
N ALA B 289 -1.04 -3.47 -21.66
CA ALA B 289 -0.13 -3.19 -22.76
C ALA B 289 1.08 -2.41 -22.28
N LEU B 290 1.09 -1.97 -21.03
CA LEU B 290 2.23 -1.26 -20.48
C LEU B 290 3.09 -2.20 -19.65
N LEU B 291 4.40 -2.06 -19.77
CA LEU B 291 5.35 -2.80 -18.94
C LEU B 291 5.55 -2.11 -17.60
N GLU B 292 5.38 -2.85 -16.53
CA GLU B 292 5.42 -2.31 -15.18
C GLU B 292 6.86 -2.31 -14.70
N ASP B 293 7.28 -1.20 -14.05
CA ASP B 293 8.66 -1.11 -13.57
C ASP B 293 8.77 -0.76 -12.09
N GLU B 294 7.70 -0.92 -11.29
CA GLU B 294 7.79 -0.62 -9.85
C GLU B 294 7.59 -1.85 -8.97
N PHE B 295 7.74 -3.06 -9.53
CA PHE B 295 7.78 -4.30 -8.76
C PHE B 295 9.18 -4.92 -8.87
N THR B 296 9.88 -5.00 -7.76
CA THR B 296 11.20 -5.65 -7.74
C THR B 296 11.08 -7.17 -7.80
N PRO B 297 12.20 -7.85 -8.05
CA PRO B 297 12.16 -9.31 -8.01
C PRO B 297 11.64 -9.83 -6.67
N PHE B 298 11.98 -9.14 -5.57
CA PHE B 298 11.46 -9.53 -4.26
C PHE B 298 9.97 -9.29 -4.15
N ASP B 299 9.48 -8.16 -4.67
CA ASP B 299 8.03 -7.92 -4.68
C ASP B 299 7.30 -9.04 -5.44
N VAL B 300 7.89 -9.51 -6.54
CA VAL B 300 7.22 -10.55 -7.33
C VAL B 300 7.14 -11.85 -6.52
N VAL B 301 8.21 -12.18 -5.78
CA VAL B 301 8.21 -13.36 -4.95
C VAL B 301 7.28 -13.18 -3.74
N ARG B 302 7.34 -12.04 -3.05
CA ARG B 302 6.42 -11.77 -1.94
C ARG B 302 4.97 -12.06 -2.31
N GLN B 303 4.57 -11.75 -3.54
CA GLN B 303 3.17 -11.81 -3.92
C GLN B 303 2.77 -13.12 -4.57
N CYS B 304 3.69 -13.77 -5.25
CA CYS B 304 3.44 -15.11 -5.78
C CYS B 304 3.70 -16.19 -4.73
N SER B 305 4.32 -15.83 -3.60
CA SER B 305 4.87 -16.79 -2.62
C SER B 305 3.92 -17.89 -2.20
#